data_2GTI
#
_entry.id   2GTI
#
_cell.length_a   86.356
_cell.length_b   86.356
_cell.length_c   221.103
_cell.angle_alpha   90.00
_cell.angle_beta   90.00
_cell.angle_gamma   120.00
#
_symmetry.space_group_name_H-M   'P 63 2 2'
#
loop_
_entity.id
_entity.type
_entity.pdbx_description
1 polymer 'Replicase polyprotein 1ab'
2 non-polymer 'SULFATE ION'
3 non-polymer GLYCEROL
4 water water
#
_entity_poly.entity_id   1
_entity_poly.type   'polypeptide(L)'
_entity_poly.pdbx_seq_one_letter_code
;SSLENVVYNLVNAGHFDGRAGELPCAVIGEKVIAKIQNEDVVVFKNNTPFPTNVAVELFAKRSIRPHPELKLFRNLNIDV
CWSHVLWDYAKDSVFCSSTYKVCKYTDLQCIESLNVLFDGRDNGALEAFKKCRNGVYINTTKIKSLS(MSE)IKGPQRAD
LNGVVVEKVGDSDVEFWFAVRKDGDDVIFSRTGSLEPSHYRSPQGNPGGNRVGDLSGNEALARGTIFTQSRLLSSFTPRS
E(MSE)EKDF(MSE)DLDDDVFIAKYSLQDYAFEHVVYGSFNQKIIGGLHLLIGLARRQQKSNLVIQEFVTYDSSIHSYL
ITDENSGSSKSVCTVIDLLLDDFVDIVKSLNLKCVSKVVNVNVDFKDFQF(MSE)LWCNEEKV(MSE)TF
;
_entity_poly.pdbx_strand_id   A
#
# COMPACT_ATOMS: atom_id res chain seq x y z
N SER A 1 17.81 -0.96 24.23
CA SER A 1 18.19 0.44 23.86
C SER A 1 17.38 1.44 24.68
N SER A 2 18.08 2.37 25.32
CA SER A 2 17.46 3.38 26.15
C SER A 2 16.98 4.60 25.36
N LEU A 3 16.11 5.39 25.99
CA LEU A 3 15.57 6.59 25.38
C LEU A 3 16.70 7.52 24.91
N GLU A 4 17.61 7.86 25.82
CA GLU A 4 18.74 8.75 25.50
C GLU A 4 19.61 8.26 24.35
N ASN A 5 19.84 6.96 24.28
CA ASN A 5 20.66 6.37 23.22
C ASN A 5 19.90 6.39 21.91
N VAL A 6 18.61 6.04 21.97
CA VAL A 6 17.75 6.04 20.80
C VAL A 6 17.70 7.45 20.20
N VAL A 7 17.50 8.44 21.05
CA VAL A 7 17.44 9.83 20.58
C VAL A 7 18.80 10.25 20.02
N TYR A 8 19.88 9.79 20.63
CA TYR A 8 21.21 10.11 20.17
C TYR A 8 21.40 9.54 18.78
N ASN A 9 20.93 8.31 18.57
CA ASN A 9 21.03 7.66 17.26
C ASN A 9 20.17 8.41 16.24
N LEU A 10 18.93 8.71 16.61
CA LEU A 10 18.01 9.41 15.71
C LEU A 10 18.61 10.74 15.25
N VAL A 11 19.16 11.50 16.19
CA VAL A 11 19.75 12.79 15.87
C VAL A 11 21.01 12.73 15.00
N ASN A 12 21.91 11.78 15.27
CA ASN A 12 23.15 11.68 14.51
C ASN A 12 23.18 10.77 13.28
N ALA A 13 22.31 9.78 13.24
CA ALA A 13 22.29 8.86 12.11
C ALA A 13 20.96 8.82 11.36
N GLY A 14 19.94 9.46 11.91
CA GLY A 14 18.66 9.45 11.25
C GLY A 14 17.86 8.21 11.59
N HIS A 15 18.52 7.21 12.17
CA HIS A 15 17.87 5.97 12.57
C HIS A 15 18.81 5.23 13.54
N PHE A 16 18.32 4.14 14.12
CA PHE A 16 19.13 3.40 15.09
C PHE A 16 20.26 2.61 14.44
N ASP A 17 21.50 3.02 14.73
CA ASP A 17 22.71 2.39 14.20
C ASP A 17 23.31 1.42 15.19
N GLY A 18 22.97 1.57 16.46
CA GLY A 18 23.52 0.71 17.48
C GLY A 18 24.73 1.38 18.10
N ARG A 19 25.02 2.60 17.63
CA ARG A 19 26.15 3.36 18.12
C ARG A 19 25.91 3.84 19.55
N ALA A 20 26.99 4.05 20.29
CA ALA A 20 26.91 4.49 21.67
C ALA A 20 26.80 6.01 21.75
N GLY A 21 26.24 6.49 22.86
CA GLY A 21 26.07 7.92 23.04
C GLY A 21 24.72 8.23 23.68
N GLU A 22 24.60 9.44 24.23
CA GLU A 22 23.36 9.86 24.87
C GLU A 22 23.11 11.36 24.76
N LEU A 23 21.83 11.71 24.64
CA LEU A 23 21.42 13.10 24.54
C LEU A 23 20.37 13.32 25.62
N PRO A 24 20.50 14.40 26.41
CA PRO A 24 19.49 14.63 27.45
C PRO A 24 18.14 14.79 26.75
N CYS A 25 17.11 14.11 27.28
CA CYS A 25 15.77 14.17 26.70
C CYS A 25 14.66 14.47 27.69
N ALA A 26 13.53 14.87 27.13
CA ALA A 26 12.34 15.17 27.91
C ALA A 26 11.16 14.70 27.07
N VAL A 27 10.25 13.97 27.70
CA VAL A 27 9.05 13.52 27.02
C VAL A 27 7.91 14.39 27.55
N ILE A 28 7.20 15.07 26.65
CA ILE A 28 6.08 15.92 27.04
C ILE A 28 4.91 15.66 26.11
N GLY A 29 3.89 14.94 26.60
CA GLY A 29 2.75 14.62 25.76
C GLY A 29 3.23 13.74 24.61
N GLU A 30 3.00 14.15 23.37
CA GLU A 30 3.46 13.32 22.27
C GLU A 30 4.78 13.85 21.69
N LYS A 31 5.39 14.79 22.43
CA LYS A 31 6.66 15.41 22.03
C LYS A 31 7.87 14.81 22.72
N VAL A 32 8.92 14.56 21.95
CA VAL A 32 10.19 14.09 22.50
C VAL A 32 11.13 15.28 22.29
N ILE A 33 11.66 15.82 23.38
CA ILE A 33 12.55 16.99 23.33
C ILE A 33 13.98 16.62 23.65
N ALA A 34 14.91 16.98 22.76
CA ALA A 34 16.32 16.70 23.00
C ALA A 34 17.04 18.00 23.26
N LYS A 35 18.01 17.96 24.16
CA LYS A 35 18.79 19.15 24.46
C LYS A 35 20.03 19.05 23.58
N ILE A 36 20.08 19.89 22.55
CA ILE A 36 21.20 19.90 21.63
C ILE A 36 21.89 21.26 21.66
N GLN A 37 23.17 21.26 22.03
CA GLN A 37 23.94 22.50 22.12
C GLN A 37 23.22 23.45 23.08
N ASN A 38 22.82 22.91 24.23
CA ASN A 38 22.12 23.69 25.26
C ASN A 38 20.79 24.28 24.79
N GLU A 39 20.28 23.78 23.67
CA GLU A 39 19.01 24.25 23.12
C GLU A 39 18.03 23.08 23.13
N ASP A 40 16.75 23.36 23.36
CA ASP A 40 15.74 22.30 23.38
C ASP A 40 15.01 22.24 22.04
N VAL A 41 15.02 21.07 21.42
CA VAL A 41 14.38 20.89 20.12
C VAL A 41 13.52 19.63 20.05
N VAL A 42 12.33 19.77 19.48
CA VAL A 42 11.43 18.63 19.32
C VAL A 42 11.95 17.79 18.15
N VAL A 43 12.34 16.56 18.44
CA VAL A 43 12.87 15.65 17.43
C VAL A 43 11.87 14.59 16.99
N PHE A 44 10.76 14.45 17.72
CA PHE A 44 9.74 13.46 17.39
C PHE A 44 8.36 13.85 17.93
N LYS A 45 7.34 13.62 17.10
CA LYS A 45 5.96 13.92 17.45
C LYS A 45 5.18 12.61 17.29
N ASN A 46 4.67 12.11 18.41
CA ASN A 46 3.96 10.84 18.44
C ASN A 46 2.51 10.85 17.97
N ASN A 47 2.26 10.21 16.84
CA ASN A 47 0.92 10.09 16.29
C ASN A 47 0.59 8.60 16.22
N THR A 48 1.24 7.84 17.09
CA THR A 48 1.02 6.40 17.14
C THR A 48 0.20 6.07 18.38
N PRO A 49 -0.21 4.80 18.53
CA PRO A 49 -1.00 4.39 19.69
C PRO A 49 -0.11 3.98 20.86
N PHE A 50 1.21 4.07 20.65
CA PHE A 50 2.20 3.69 21.66
C PHE A 50 2.62 4.84 22.57
N PRO A 51 3.20 4.50 23.74
CA PRO A 51 3.66 5.56 24.66
C PRO A 51 4.72 6.33 23.86
N THR A 52 4.80 7.63 24.08
CA THR A 52 5.74 8.47 23.34
C THR A 52 7.20 8.00 23.28
N ASN A 53 7.76 7.63 24.42
CA ASN A 53 9.14 7.18 24.46
C ASN A 53 9.30 5.88 23.70
N VAL A 54 8.25 5.06 23.68
CA VAL A 54 8.31 3.79 22.96
C VAL A 54 8.17 4.03 21.46
N ALA A 55 7.35 5.01 21.11
CA ALA A 55 7.11 5.37 19.71
C ALA A 55 8.36 5.88 19.00
N VAL A 56 9.16 6.69 19.68
CA VAL A 56 10.37 7.21 19.06
C VAL A 56 11.41 6.10 18.86
N GLU A 57 11.39 5.10 19.73
CA GLU A 57 12.32 3.99 19.60
C GLU A 57 11.94 3.18 18.35
N LEU A 58 10.65 2.98 18.16
CA LEU A 58 10.14 2.21 17.02
C LEU A 58 10.39 2.94 15.71
N PHE A 59 10.24 4.26 15.73
CA PHE A 59 10.49 5.04 14.52
C PHE A 59 11.98 4.98 14.19
N ALA A 60 12.82 5.17 15.21
CA ALA A 60 14.26 5.14 15.00
C ALA A 60 14.71 3.79 14.45
N LYS A 61 14.01 2.72 14.82
CA LYS A 61 14.38 1.39 14.36
C LYS A 61 13.69 0.99 13.06
N ARG A 62 12.94 1.92 12.49
CA ARG A 62 12.23 1.67 11.24
C ARG A 62 13.17 1.20 10.14
N SER A 63 12.63 0.42 9.21
CA SER A 63 13.40 -0.07 8.09
C SER A 63 13.68 1.09 7.14
N ILE A 64 14.94 1.25 6.75
CA ILE A 64 15.28 2.32 5.81
C ILE A 64 15.72 1.74 4.47
N ARG A 65 15.44 0.46 4.27
CA ARG A 65 15.79 -0.21 3.02
C ARG A 65 14.47 -0.34 2.24
N PRO A 66 14.54 -0.56 0.91
CA PRO A 66 13.33 -0.69 0.10
C PRO A 66 12.59 -1.99 0.40
N HIS A 67 11.26 -1.92 0.41
CA HIS A 67 10.44 -3.10 0.68
C HIS A 67 9.11 -3.00 -0.06
N PRO A 68 8.41 -4.14 -0.25
CA PRO A 68 7.12 -4.15 -0.94
C PRO A 68 6.15 -3.20 -0.28
N GLU A 69 5.33 -2.53 -1.09
CA GLU A 69 4.36 -1.59 -0.54
C GLU A 69 3.47 -2.29 0.47
N LEU A 70 3.19 -1.59 1.56
CA LEU A 70 2.40 -2.14 2.65
C LEU A 70 1.01 -2.68 2.31
N LYS A 71 0.40 -2.16 1.25
CA LYS A 71 -0.92 -2.63 0.88
C LYS A 71 -0.88 -4.12 0.54
N LEU A 72 0.28 -4.58 0.09
CA LEU A 72 0.45 -6.00 -0.26
C LEU A 72 0.42 -6.86 1.01
N PHE A 73 1.13 -6.43 2.04
CA PHE A 73 1.15 -7.17 3.29
C PHE A 73 -0.22 -7.19 3.94
N ARG A 74 -0.94 -6.08 3.85
CA ARG A 74 -2.29 -6.02 4.41
C ARG A 74 -3.15 -7.04 3.67
N ASN A 75 -2.99 -7.09 2.35
CA ASN A 75 -3.73 -8.04 1.52
C ASN A 75 -3.35 -9.49 1.89
N LEU A 76 -2.13 -9.68 2.38
CA LEU A 76 -1.67 -11.01 2.78
C LEU A 76 -1.94 -11.24 4.27
N ASN A 77 -2.55 -10.26 4.92
CA ASN A 77 -2.90 -10.35 6.34
C ASN A 77 -1.72 -10.54 7.29
N ILE A 78 -0.64 -9.81 7.06
CA ILE A 78 0.53 -9.91 7.94
C ILE A 78 0.16 -9.37 9.32
N ASP A 79 0.50 -10.11 10.36
CA ASP A 79 0.20 -9.71 11.74
C ASP A 79 1.39 -9.07 12.44
N VAL A 80 2.60 -9.52 12.12
CA VAL A 80 3.79 -8.98 12.77
C VAL A 80 5.02 -9.23 11.91
N CYS A 81 6.02 -8.36 12.06
CA CYS A 81 7.26 -8.50 11.30
C CYS A 81 8.31 -9.17 12.17
N TRP A 82 9.05 -10.10 11.57
CA TRP A 82 10.09 -10.82 12.29
C TRP A 82 11.40 -10.03 12.32
N SER A 83 11.80 -9.60 13.51
CA SER A 83 13.07 -8.87 13.73
C SER A 83 13.28 -7.54 13.00
N HIS A 84 12.20 -6.90 12.57
CA HIS A 84 12.32 -5.59 11.95
C HIS A 84 10.99 -4.87 12.10
N VAL A 85 10.98 -3.57 11.83
CA VAL A 85 9.74 -2.82 11.93
C VAL A 85 9.55 -1.98 10.68
N LEU A 86 8.33 -1.97 10.17
CA LEU A 86 8.03 -1.19 8.98
C LEU A 86 7.26 0.05 9.39
N TRP A 87 7.73 1.20 8.90
CA TRP A 87 7.07 2.46 9.18
C TRP A 87 6.15 2.81 8.02
N ASP A 88 4.91 3.12 8.36
CA ASP A 88 3.90 3.50 7.39
C ASP A 88 3.83 5.02 7.36
N TYR A 89 4.48 5.62 6.37
CA TYR A 89 4.53 7.07 6.25
C TYR A 89 3.20 7.75 5.91
N ALA A 90 2.27 7.00 5.33
CA ALA A 90 0.97 7.58 4.99
C ALA A 90 0.15 7.61 6.26
N LYS A 91 0.35 6.59 7.08
CA LYS A 91 -0.34 6.43 8.34
C LYS A 91 0.36 7.23 9.44
N ASP A 92 1.66 7.45 9.26
CA ASP A 92 2.47 8.20 10.22
C ASP A 92 2.60 7.43 11.53
N SER A 93 2.75 6.12 11.41
CA SER A 93 2.90 5.23 12.55
C SER A 93 3.50 3.94 12.03
N VAL A 94 3.69 2.98 12.93
CA VAL A 94 4.23 1.69 12.56
C VAL A 94 3.14 0.90 11.85
N PHE A 95 3.55 -0.04 11.01
CA PHE A 95 2.61 -0.88 10.26
C PHE A 95 1.82 -1.83 11.16
N CYS A 96 2.51 -2.78 11.79
CA CYS A 96 1.85 -3.72 12.68
C CYS A 96 1.64 -3.14 14.08
N SER A 97 0.62 -3.62 14.77
CA SER A 97 0.34 -3.12 16.10
C SER A 97 1.28 -3.75 17.11
N SER A 98 2.02 -4.77 16.70
CA SER A 98 2.96 -5.43 17.60
C SER A 98 4.30 -5.72 16.94
N THR A 99 5.31 -5.98 17.76
CA THR A 99 6.64 -6.27 17.24
C THR A 99 7.15 -7.62 17.74
N TYR A 100 8.26 -8.05 17.17
CA TYR A 100 8.86 -9.32 17.59
C TYR A 100 10.37 -9.19 17.43
N LYS A 101 11.10 -9.38 18.52
CA LYS A 101 12.55 -9.27 18.50
C LYS A 101 12.99 -7.90 18.00
N VAL A 102 12.30 -6.86 18.46
CA VAL A 102 12.66 -5.51 18.05
C VAL A 102 12.69 -4.56 19.23
N CYS A 103 11.58 -4.48 19.95
CA CYS A 103 11.45 -3.59 21.09
C CYS A 103 10.93 -4.28 22.35
N LYS A 104 11.75 -4.27 23.41
CA LYS A 104 11.43 -4.89 24.68
C LYS A 104 10.00 -4.65 25.17
N TYR A 105 9.60 -3.38 25.23
CA TYR A 105 8.27 -3.05 25.73
C TYR A 105 7.10 -3.52 24.88
N THR A 106 7.27 -3.60 23.56
CA THR A 106 6.19 -4.00 22.68
C THR A 106 6.27 -5.40 22.08
N ASP A 107 7.42 -6.06 22.19
CA ASP A 107 7.58 -7.40 21.64
C ASP A 107 6.59 -8.43 22.18
N LEU A 108 6.04 -9.26 21.29
CA LEU A 108 5.12 -10.30 21.68
C LEU A 108 5.96 -11.48 22.16
N GLN A 109 5.49 -12.18 23.19
CA GLN A 109 6.20 -13.34 23.70
C GLN A 109 5.92 -14.52 22.79
N CYS A 110 4.71 -14.56 22.24
CA CYS A 110 4.29 -15.65 21.37
C CYS A 110 3.68 -15.19 20.05
N ILE A 111 4.18 -15.73 18.94
CA ILE A 111 3.69 -15.40 17.61
C ILE A 111 3.47 -16.66 16.79
N GLU A 112 3.46 -17.80 17.48
CA GLU A 112 3.29 -19.09 16.84
C GLU A 112 2.18 -19.14 15.79
N SER A 113 0.98 -18.67 16.15
CA SER A 113 -0.13 -18.72 15.21
C SER A 113 -0.36 -17.45 14.36
N LEU A 114 0.42 -16.41 14.58
CA LEU A 114 0.24 -15.20 13.79
C LEU A 114 0.88 -15.32 12.41
N ASN A 115 0.44 -14.48 11.48
CA ASN A 115 0.98 -14.45 10.12
C ASN A 115 2.25 -13.59 10.16
N VAL A 116 3.41 -14.23 10.13
CA VAL A 116 4.68 -13.50 10.22
C VAL A 116 5.40 -13.19 8.91
N LEU A 117 5.85 -11.94 8.76
CA LEU A 117 6.59 -11.49 7.60
C LEU A 117 8.09 -11.63 7.87
N PHE A 118 8.76 -12.41 7.02
CA PHE A 118 10.20 -12.63 7.16
C PHE A 118 10.87 -12.01 5.94
N ASP A 119 11.82 -11.11 6.18
CA ASP A 119 12.53 -10.46 5.08
C ASP A 119 13.88 -11.16 4.89
N GLY A 120 14.08 -11.77 3.73
CA GLY A 120 15.30 -12.49 3.41
C GLY A 120 16.60 -11.76 3.71
N ARG A 121 16.55 -10.43 3.79
CA ARG A 121 17.74 -9.65 4.08
C ARG A 121 18.18 -9.68 5.56
N ASP A 122 17.29 -10.14 6.45
CA ASP A 122 17.67 -10.23 7.86
C ASP A 122 18.25 -11.62 8.12
N ASN A 123 19.37 -11.66 8.82
CA ASN A 123 20.02 -12.93 9.12
C ASN A 123 19.08 -13.85 9.89
N GLY A 124 18.98 -15.10 9.43
CA GLY A 124 18.12 -16.06 10.09
C GLY A 124 16.66 -16.03 9.65
N ALA A 125 16.29 -15.08 8.80
CA ALA A 125 14.90 -14.96 8.34
C ALA A 125 14.37 -16.20 7.61
N LEU A 126 15.16 -16.76 6.70
CA LEU A 126 14.73 -17.93 5.96
C LEU A 126 14.53 -19.14 6.86
N GLU A 127 15.46 -19.35 7.79
CA GLU A 127 15.35 -20.49 8.70
C GLU A 127 14.11 -20.31 9.57
N ALA A 128 13.91 -19.09 10.08
CA ALA A 128 12.74 -18.81 10.91
C ALA A 128 11.46 -19.05 10.09
N PHE A 129 11.47 -18.59 8.84
CA PHE A 129 10.32 -18.77 7.96
C PHE A 129 9.96 -20.25 7.75
N LYS A 130 10.96 -21.07 7.44
CA LYS A 130 10.75 -22.49 7.19
C LYS A 130 10.21 -23.23 8.40
N LYS A 131 10.38 -22.64 9.57
CA LYS A 131 9.90 -23.27 10.79
C LYS A 131 8.56 -22.70 11.27
N CYS A 132 8.12 -21.59 10.67
CA CYS A 132 6.85 -20.97 11.09
C CYS A 132 5.61 -21.73 10.62
N ARG A 133 4.49 -21.47 11.28
CA ARG A 133 3.23 -22.11 10.92
C ARG A 133 2.56 -21.32 9.81
N ASN A 134 2.55 -20.00 9.98
CA ASN A 134 1.97 -19.09 9.01
C ASN A 134 2.89 -17.91 8.77
N GLY A 135 3.22 -17.65 7.51
CA GLY A 135 4.08 -16.53 7.22
C GLY A 135 4.31 -16.23 5.74
N VAL A 136 5.04 -15.16 5.50
CA VAL A 136 5.38 -14.74 4.14
C VAL A 136 6.87 -14.40 4.20
N TYR A 137 7.62 -14.86 3.22
CA TYR A 137 9.05 -14.60 3.14
C TYR A 137 9.30 -13.85 1.84
N ILE A 138 10.01 -12.73 1.90
CA ILE A 138 10.29 -11.97 0.69
C ILE A 138 11.78 -11.88 0.50
N ASN A 139 12.20 -11.78 -0.76
CA ASN A 139 13.62 -11.67 -1.07
C ASN A 139 13.71 -10.90 -2.38
N THR A 140 14.81 -10.21 -2.59
CA THR A 140 15.00 -9.43 -3.81
C THR A 140 15.54 -10.30 -4.95
N THR A 141 15.92 -11.53 -4.60
CA THR A 141 16.43 -12.48 -5.56
C THR A 141 15.54 -13.70 -5.58
N LYS A 142 15.28 -14.23 -6.77
CA LYS A 142 14.44 -15.43 -6.90
C LYS A 142 15.21 -16.64 -6.37
N ILE A 143 14.62 -17.34 -5.40
CA ILE A 143 15.26 -18.51 -4.82
C ILE A 143 14.67 -19.79 -5.44
N LYS A 144 15.52 -20.51 -6.15
CA LYS A 144 15.17 -21.73 -6.85
C LYS A 144 14.66 -22.86 -5.96
N SER A 145 15.05 -22.85 -4.70
CA SER A 145 14.63 -23.90 -3.77
C SER A 145 13.41 -23.52 -2.93
N LEU A 146 12.64 -22.56 -3.43
CA LEU A 146 11.41 -22.13 -2.76
C LEU A 146 10.35 -21.85 -3.84
N SER A 147 9.10 -22.18 -3.56
CA SER A 147 8.04 -21.89 -4.52
C SER A 147 7.71 -20.43 -4.26
N ILE A 149 6.28 -16.36 -5.94
CA ILE A 149 5.54 -15.59 -6.92
C ILE A 149 6.09 -14.16 -6.86
N LYS A 150 6.26 -13.54 -8.02
CA LYS A 150 6.82 -12.20 -8.09
C LYS A 150 5.82 -11.08 -7.82
N GLY A 151 6.27 -10.04 -7.13
CA GLY A 151 5.39 -8.92 -6.84
C GLY A 151 5.58 -7.88 -7.92
N PRO A 152 4.85 -6.76 -7.87
CA PRO A 152 5.01 -5.73 -8.90
C PRO A 152 6.38 -5.06 -8.75
N GLN A 153 6.82 -4.38 -9.80
CA GLN A 153 8.10 -3.70 -9.78
C GLN A 153 8.07 -2.29 -9.20
N ARG A 154 7.79 -2.19 -7.91
CA ARG A 154 7.79 -0.92 -7.22
C ARG A 154 7.89 -1.23 -5.73
N ALA A 155 8.57 -0.34 -5.02
CA ALA A 155 8.81 -0.52 -3.61
C ALA A 155 8.58 0.77 -2.83
N ASP A 156 8.45 0.61 -1.53
CA ASP A 156 8.29 1.72 -0.58
C ASP A 156 9.69 1.92 -0.03
N LEU A 157 10.29 3.09 -0.28
CA LEU A 157 11.62 3.42 0.23
C LEU A 157 11.50 4.73 0.99
N ASN A 158 11.50 4.62 2.32
CA ASN A 158 11.37 5.78 3.19
C ASN A 158 10.08 6.52 2.86
N GLY A 159 9.04 5.75 2.52
CA GLY A 159 7.76 6.34 2.20
C GLY A 159 7.59 6.77 0.76
N VAL A 160 8.68 6.75 0.00
CA VAL A 160 8.62 7.14 -1.40
C VAL A 160 8.41 5.91 -2.28
N VAL A 161 7.47 6.00 -3.21
CA VAL A 161 7.19 4.90 -4.11
C VAL A 161 8.17 4.99 -5.26
N VAL A 162 9.04 3.98 -5.38
CA VAL A 162 10.05 3.98 -6.42
C VAL A 162 9.91 2.75 -7.31
N GLU A 163 10.27 2.90 -8.59
CA GLU A 163 10.19 1.82 -9.56
C GLU A 163 11.57 1.22 -9.75
N LYS A 164 12.58 1.94 -9.28
CA LYS A 164 13.95 1.48 -9.39
C LYS A 164 14.59 1.67 -8.04
N VAL A 165 15.71 0.98 -7.84
CA VAL A 165 16.50 1.04 -6.62
C VAL A 165 17.92 1.04 -7.14
N GLY A 166 18.68 2.09 -6.82
CA GLY A 166 20.04 2.17 -7.31
C GLY A 166 20.00 2.23 -8.83
N ASP A 167 18.87 2.71 -9.34
CA ASP A 167 18.65 2.86 -10.78
C ASP A 167 18.43 1.50 -11.46
N SER A 168 18.19 0.47 -10.66
CA SER A 168 17.94 -0.87 -11.18
C SER A 168 16.50 -1.21 -10.88
N ASP A 169 15.85 -1.97 -11.76
CA ASP A 169 14.45 -2.33 -11.54
C ASP A 169 14.23 -2.98 -10.18
N VAL A 170 13.13 -2.63 -9.55
CA VAL A 170 12.78 -3.19 -8.26
C VAL A 170 12.32 -4.62 -8.50
N GLU A 171 12.79 -5.55 -7.68
CA GLU A 171 12.39 -6.95 -7.80
C GLU A 171 12.13 -7.56 -6.43
N PHE A 172 10.94 -8.09 -6.23
CA PHE A 172 10.57 -8.74 -4.98
C PHE A 172 9.83 -10.04 -5.24
N TRP A 173 10.32 -11.12 -4.65
CA TRP A 173 9.69 -12.43 -4.78
C TRP A 173 9.04 -12.81 -3.46
N PHE A 174 7.90 -13.48 -3.54
CA PHE A 174 7.14 -13.88 -2.38
C PHE A 174 6.97 -15.39 -2.17
N ALA A 175 7.21 -15.85 -0.94
CA ALA A 175 7.02 -17.26 -0.61
C ALA A 175 6.02 -17.23 0.55
N VAL A 176 5.10 -18.18 0.59
CA VAL A 176 4.10 -18.20 1.65
C VAL A 176 3.89 -19.56 2.31
N ARG A 177 3.59 -19.53 3.60
CA ARG A 177 3.29 -20.74 4.36
C ARG A 177 1.98 -20.55 5.11
N LYS A 178 1.18 -21.60 5.17
CA LYS A 178 -0.10 -21.56 5.87
C LYS A 178 -0.33 -22.90 6.56
N ASP A 179 -0.63 -22.85 7.84
CA ASP A 179 -0.87 -24.06 8.63
C ASP A 179 0.22 -25.10 8.46
N GLY A 180 1.47 -24.66 8.55
CA GLY A 180 2.59 -25.57 8.44
C GLY A 180 3.00 -26.05 7.06
N ASP A 181 2.31 -25.65 6.00
CA ASP A 181 2.69 -26.10 4.67
C ASP A 181 3.01 -24.95 3.69
N ASP A 182 3.95 -25.22 2.80
CA ASP A 182 4.33 -24.23 1.82
C ASP A 182 3.23 -24.11 0.77
N VAL A 183 2.97 -22.88 0.33
CA VAL A 183 1.99 -22.66 -0.72
C VAL A 183 2.73 -22.89 -2.02
N ILE A 184 2.22 -23.79 -2.85
CA ILE A 184 2.86 -24.10 -4.12
C ILE A 184 2.27 -23.28 -5.26
N PHE A 185 3.09 -22.40 -5.84
CA PHE A 185 2.67 -21.54 -6.95
C PHE A 185 3.03 -22.14 -8.30
N SER A 186 2.09 -22.11 -9.24
CA SER A 186 2.36 -22.62 -10.58
C SER A 186 2.24 -21.41 -11.50
N ARG A 187 2.58 -21.59 -12.77
CA ARG A 187 2.55 -20.49 -13.73
C ARG A 187 1.16 -20.06 -14.16
N THR A 188 0.19 -20.97 -14.13
CA THR A 188 -1.17 -20.63 -14.55
C THR A 188 -2.25 -21.00 -13.54
N GLY A 189 -3.43 -20.42 -13.72
CA GLY A 189 -4.56 -20.65 -12.83
C GLY A 189 -4.87 -19.41 -12.00
N SER A 190 -5.86 -19.50 -11.12
CA SER A 190 -6.23 -18.38 -10.25
C SER A 190 -5.73 -18.62 -8.84
N LEU A 191 -5.25 -17.57 -8.17
CA LEU A 191 -4.71 -17.68 -6.82
C LEU A 191 -5.72 -18.19 -5.80
N GLU A 192 -7.00 -17.88 -6.04
CA GLU A 192 -8.05 -18.30 -5.13
C GLU A 192 -9.19 -18.98 -5.90
N PRO A 193 -9.94 -19.86 -5.22
CA PRO A 193 -11.07 -20.55 -5.84
C PRO A 193 -12.27 -19.61 -5.87
N SER A 194 -13.36 -20.04 -6.49
CA SER A 194 -14.57 -19.24 -6.58
C SER A 194 -15.16 -18.89 -5.22
N HIS A 195 -15.51 -17.61 -5.05
CA HIS A 195 -16.10 -17.11 -3.81
C HIS A 195 -16.17 -15.59 -3.83
N ALA A 218 -7.63 -13.44 -12.24
CA ALA A 218 -7.40 -13.81 -10.85
C ALA A 218 -6.06 -14.55 -10.73
N ARG A 219 -5.23 -14.37 -11.75
CA ARG A 219 -3.92 -15.01 -11.81
C ARG A 219 -2.93 -14.42 -10.81
N GLY A 220 -3.29 -13.29 -10.22
CA GLY A 220 -2.41 -12.64 -9.26
C GLY A 220 -1.34 -11.82 -9.96
N THR A 221 -1.66 -11.37 -11.16
CA THR A 221 -0.72 -10.57 -11.94
C THR A 221 -1.17 -9.11 -12.07
N ILE A 222 -2.39 -8.82 -11.63
CA ILE A 222 -2.89 -7.44 -11.70
C ILE A 222 -2.44 -6.68 -10.45
N PHE A 223 -1.73 -5.57 -10.65
CA PHE A 223 -1.23 -4.75 -9.52
C PHE A 223 -1.59 -3.27 -9.66
N THR A 224 -1.93 -2.63 -8.55
CA THR A 224 -2.27 -1.21 -8.58
C THR A 224 -1.00 -0.40 -8.88
N GLN A 225 -1.16 0.79 -9.45
CA GLN A 225 -0.04 1.65 -9.84
C GLN A 225 0.61 2.57 -8.79
N SER A 226 -0.02 2.70 -7.63
CA SER A 226 0.55 3.51 -6.55
C SER A 226 0.78 5.00 -6.80
N ARG A 227 0.00 5.62 -7.68
CA ARG A 227 0.18 7.03 -7.94
C ARG A 227 -0.62 7.92 -6.98
N LEU A 228 -0.17 9.17 -6.88
CA LEU A 228 -0.82 10.17 -6.03
C LEU A 228 -1.47 11.19 -6.98
N LEU A 229 -2.64 11.66 -6.60
CA LEU A 229 -3.38 12.62 -7.41
C LEU A 229 -2.56 13.91 -7.65
N SER A 230 -1.83 14.35 -6.63
CA SER A 230 -1.04 15.57 -6.74
C SER A 230 0.17 15.45 -7.67
N SER A 231 0.48 14.23 -8.11
CA SER A 231 1.60 14.04 -9.00
C SER A 231 1.34 12.96 -10.03
N PHE A 232 0.07 12.68 -10.29
CA PHE A 232 -0.31 11.65 -11.25
C PHE A 232 0.40 11.87 -12.58
N THR A 233 0.82 10.77 -13.20
CA THR A 233 1.52 10.80 -14.48
C THR A 233 1.07 9.63 -15.35
N PRO A 234 0.74 9.90 -16.63
CA PRO A 234 0.31 8.79 -17.50
C PRO A 234 1.45 7.78 -17.62
N ARG A 235 1.14 6.49 -17.66
CA ARG A 235 2.19 5.49 -17.77
C ARG A 235 2.18 4.68 -19.06
N SER A 236 1.30 5.07 -19.98
CA SER A 236 1.21 4.40 -21.26
C SER A 236 0.72 5.42 -22.28
N GLU A 237 0.54 4.97 -23.51
CA GLU A 237 0.08 5.86 -24.56
C GLU A 237 -1.43 6.04 -24.39
N GLU A 239 -3.08 6.03 -21.53
CA GLU A 239 -3.31 6.94 -20.41
C GLU A 239 -2.96 8.36 -20.83
N LYS A 240 -2.01 8.49 -21.76
CA LYS A 240 -1.60 9.78 -22.26
C LYS A 240 -2.76 10.37 -23.07
N ASP A 241 -3.37 9.54 -23.91
CA ASP A 241 -4.51 10.00 -24.72
C ASP A 241 -5.69 10.33 -23.81
N PHE A 242 -5.95 9.49 -22.82
CA PHE A 242 -7.06 9.71 -21.90
C PHE A 242 -6.95 11.06 -21.20
N ASP A 244 -5.23 13.74 -22.59
CA ASP A 244 -5.25 14.82 -23.58
C ASP A 244 -6.43 14.92 -24.53
N LEU A 245 -6.95 13.79 -24.98
CA LEU A 245 -8.09 13.81 -25.91
C LEU A 245 -9.41 13.98 -25.19
N ASP A 246 -10.42 14.48 -25.91
CA ASP A 246 -11.75 14.67 -25.34
C ASP A 246 -12.33 13.28 -25.13
N ASP A 247 -13.34 13.17 -24.26
CA ASP A 247 -13.94 11.87 -23.99
C ASP A 247 -14.38 11.15 -25.26
N ASP A 248 -15.13 11.84 -26.10
CA ASP A 248 -15.61 11.27 -27.36
C ASP A 248 -14.45 10.69 -28.16
N VAL A 249 -13.43 11.52 -28.39
CA VAL A 249 -12.25 11.13 -29.15
C VAL A 249 -11.58 9.88 -28.58
N PHE A 250 -11.36 9.87 -27.27
CA PHE A 250 -10.72 8.74 -26.61
C PHE A 250 -11.49 7.44 -26.76
N ILE A 251 -12.78 7.46 -26.43
CA ILE A 251 -13.62 6.26 -26.50
C ILE A 251 -13.62 5.58 -27.86
N ALA A 252 -13.73 6.38 -28.93
CA ALA A 252 -13.76 5.83 -30.28
C ALA A 252 -12.42 5.23 -30.66
N LYS A 253 -11.34 5.95 -30.34
CA LYS A 253 -9.99 5.50 -30.67
C LYS A 253 -9.66 4.13 -30.11
N TYR A 254 -10.24 3.78 -28.97
CA TYR A 254 -9.98 2.47 -28.36
C TYR A 254 -11.23 1.61 -28.28
N SER A 255 -12.18 1.89 -29.17
CA SER A 255 -13.43 1.14 -29.25
C SER A 255 -13.91 0.71 -27.87
N LEU A 256 -14.38 1.67 -27.07
CA LEU A 256 -14.89 1.39 -25.74
C LEU A 256 -16.36 1.77 -25.69
N GLN A 257 -17.03 1.51 -26.80
CA GLN A 257 -18.46 1.81 -26.95
C GLN A 257 -19.33 1.47 -25.74
N ASP A 258 -19.73 0.21 -25.64
CA ASP A 258 -20.59 -0.24 -24.54
C ASP A 258 -19.90 -0.59 -23.23
N TYR A 259 -18.94 0.24 -22.81
CA TYR A 259 -18.26 0.00 -21.55
C TYR A 259 -18.50 1.14 -20.57
N ALA A 260 -19.45 2.00 -20.94
CA ALA A 260 -19.85 3.14 -20.11
C ALA A 260 -18.71 3.83 -19.38
N PHE A 261 -17.72 4.34 -20.09
CA PHE A 261 -16.61 5.02 -19.45
C PHE A 261 -17.01 6.39 -18.94
N GLU A 262 -17.97 7.03 -19.62
CA GLU A 262 -18.44 8.35 -19.23
C GLU A 262 -18.80 8.35 -17.74
N HIS A 263 -19.39 7.26 -17.28
CA HIS A 263 -19.79 7.11 -15.88
C HIS A 263 -18.65 6.59 -15.02
N VAL A 264 -18.35 5.29 -15.13
CA VAL A 264 -17.30 4.62 -14.35
C VAL A 264 -15.91 5.26 -14.29
N VAL A 265 -15.38 5.69 -15.43
CA VAL A 265 -14.04 6.27 -15.48
C VAL A 265 -13.98 7.80 -15.51
N TYR A 266 -14.82 8.43 -16.32
CA TYR A 266 -14.83 9.89 -16.43
C TYR A 266 -15.61 10.54 -15.29
N GLY A 267 -16.68 9.87 -14.85
CA GLY A 267 -17.51 10.41 -13.80
C GLY A 267 -18.46 11.49 -14.30
N SER A 268 -19.65 11.55 -13.72
CA SER A 268 -20.64 12.57 -14.10
C SER A 268 -20.81 13.53 -12.92
N PHE A 269 -20.79 14.83 -13.21
CA PHE A 269 -20.89 15.83 -12.17
C PHE A 269 -22.14 16.72 -12.31
N ASN A 270 -23.17 16.21 -12.96
CA ASN A 270 -24.40 16.97 -13.17
C ASN A 270 -25.54 16.65 -12.20
N GLN A 271 -25.21 16.17 -11.02
CA GLN A 271 -26.21 15.85 -10.01
C GLN A 271 -25.61 16.11 -8.65
N LYS A 272 -26.44 16.05 -7.61
CA LYS A 272 -25.96 16.27 -6.26
C LYS A 272 -24.90 15.23 -5.94
N ILE A 273 -25.18 13.98 -6.30
CA ILE A 273 -24.26 12.89 -6.04
C ILE A 273 -23.45 12.52 -7.28
N ILE A 274 -22.13 12.60 -7.15
CA ILE A 274 -21.23 12.26 -8.24
C ILE A 274 -21.57 10.86 -8.74
N GLY A 275 -21.40 10.65 -10.04
CA GLY A 275 -21.70 9.34 -10.60
C GLY A 275 -20.42 8.68 -11.05
N GLY A 276 -20.25 7.40 -10.73
CA GLY A 276 -19.04 6.70 -11.12
C GLY A 276 -17.79 7.24 -10.46
N LEU A 277 -16.76 7.49 -11.26
CA LEU A 277 -15.48 8.00 -10.78
C LEU A 277 -14.83 7.01 -9.81
N HIS A 278 -14.47 5.84 -10.32
CA HIS A 278 -13.85 4.80 -9.51
C HIS A 278 -12.40 4.46 -9.89
N LEU A 279 -11.87 5.12 -10.92
CA LEU A 279 -10.49 4.88 -11.34
C LEU A 279 -9.69 6.14 -11.03
N LEU A 280 -8.53 5.99 -10.40
CA LEU A 280 -7.73 7.15 -10.05
C LEU A 280 -7.42 8.08 -11.22
N ILE A 281 -7.04 7.53 -12.38
CA ILE A 281 -6.72 8.38 -13.52
C ILE A 281 -7.91 9.28 -13.86
N GLY A 282 -9.12 8.80 -13.59
CA GLY A 282 -10.31 9.60 -13.85
C GLY A 282 -10.33 10.84 -12.96
N LEU A 283 -9.94 10.68 -11.70
CA LEU A 283 -9.91 11.82 -10.80
C LEU A 283 -8.80 12.74 -11.27
N ALA A 284 -7.71 12.15 -11.74
CA ALA A 284 -6.57 12.93 -12.23
C ALA A 284 -7.01 13.84 -13.38
N ARG A 285 -7.78 13.29 -14.32
CA ARG A 285 -8.25 14.05 -15.47
C ARG A 285 -9.18 15.21 -15.06
N ARG A 286 -10.06 14.96 -14.11
CA ARG A 286 -10.99 15.97 -13.65
C ARG A 286 -10.23 17.13 -13.02
N GLN A 287 -9.19 16.79 -12.27
CA GLN A 287 -8.36 17.77 -11.58
C GLN A 287 -7.76 18.76 -12.55
N GLN A 288 -7.75 18.41 -13.83
CA GLN A 288 -7.21 19.30 -14.85
C GLN A 288 -8.05 20.56 -15.02
N LYS A 289 -9.36 20.44 -14.84
CA LYS A 289 -10.25 21.59 -14.99
C LYS A 289 -11.10 21.93 -13.77
N SER A 290 -11.09 21.06 -12.76
CA SER A 290 -11.88 21.30 -11.56
C SER A 290 -11.21 20.72 -10.33
N ASN A 291 -11.16 21.51 -9.27
CA ASN A 291 -10.54 21.07 -8.03
C ASN A 291 -11.35 19.98 -7.34
N LEU A 292 -10.72 18.83 -7.11
CA LEU A 292 -11.37 17.72 -6.40
C LEU A 292 -10.78 17.63 -5.01
N VAL A 293 -11.62 17.78 -4.00
CA VAL A 293 -11.15 17.71 -2.62
C VAL A 293 -11.52 16.34 -2.08
N ILE A 294 -10.52 15.65 -1.56
CA ILE A 294 -10.70 14.30 -1.03
C ILE A 294 -10.53 14.22 0.48
N GLN A 295 -11.46 13.53 1.13
CA GLN A 295 -11.37 13.29 2.57
C GLN A 295 -11.27 11.78 2.72
N GLU A 296 -10.29 11.33 3.51
CA GLU A 296 -10.12 9.90 3.75
C GLU A 296 -10.10 9.65 5.25
N PHE A 297 -10.93 8.72 5.70
CA PHE A 297 -11.06 8.41 7.11
C PHE A 297 -10.10 7.35 7.65
N VAL A 298 -9.77 6.36 6.85
CA VAL A 298 -8.79 5.35 7.26
C VAL A 298 -7.63 5.60 6.31
N THR A 299 -6.59 6.28 6.79
CA THR A 299 -5.47 6.59 5.94
C THR A 299 -4.22 5.75 6.09
N TYR A 300 -4.04 4.84 5.16
CA TYR A 300 -2.87 3.99 5.06
C TYR A 300 -2.92 3.34 3.68
N ASP A 301 -1.76 2.96 3.19
CA ASP A 301 -1.61 2.34 1.88
C ASP A 301 -2.58 1.17 1.67
N SER A 302 -3.50 1.31 0.72
CA SER A 302 -4.45 0.25 0.40
C SER A 302 -4.70 0.15 -1.10
N SER A 303 -5.06 -1.03 -1.57
CA SER A 303 -5.33 -1.28 -2.98
C SER A 303 -6.55 -0.50 -3.47
N ILE A 304 -7.59 -0.49 -2.65
CA ILE A 304 -8.82 0.23 -2.95
C ILE A 304 -9.04 1.28 -1.86
N HIS A 305 -9.30 2.52 -2.26
CA HIS A 305 -9.52 3.59 -1.29
C HIS A 305 -11.00 3.98 -1.24
N SER A 306 -11.44 4.45 -0.08
CA SER A 306 -12.82 4.88 0.10
C SER A 306 -12.79 6.36 0.48
N TYR A 307 -13.25 7.21 -0.43
CA TYR A 307 -13.22 8.65 -0.19
C TYR A 307 -14.57 9.35 -0.11
N LEU A 308 -14.54 10.52 0.51
CA LEU A 308 -15.69 11.41 0.56
C LEU A 308 -15.16 12.44 -0.42
N ILE A 309 -15.74 12.48 -1.62
CA ILE A 309 -15.27 13.39 -2.67
C ILE A 309 -16.19 14.56 -2.98
N THR A 310 -15.59 15.74 -3.13
CA THR A 310 -16.32 16.96 -3.46
C THR A 310 -15.69 17.64 -4.69
N ASP A 311 -16.49 17.84 -5.73
CA ASP A 311 -16.01 18.49 -6.96
C ASP A 311 -16.33 19.99 -6.85
N GLU A 312 -15.30 20.82 -6.91
CA GLU A 312 -15.47 22.26 -6.77
C GLU A 312 -16.35 22.95 -7.82
N ASN A 313 -16.00 22.81 -9.09
CA ASN A 313 -16.75 23.44 -10.17
C ASN A 313 -18.25 23.16 -10.18
N SER A 314 -18.64 21.90 -9.98
CA SER A 314 -20.05 21.54 -10.01
C SER A 314 -20.74 21.52 -8.65
N GLY A 315 -19.98 21.41 -7.57
CA GLY A 315 -20.62 21.36 -6.27
C GLY A 315 -21.27 20.01 -6.03
N SER A 316 -20.84 19.02 -6.80
CA SER A 316 -21.37 17.67 -6.68
C SER A 316 -20.47 16.92 -5.68
N SER A 317 -20.96 15.84 -5.09
CA SER A 317 -20.17 15.07 -4.13
C SER A 317 -20.75 13.68 -3.85
N LYS A 318 -19.93 12.79 -3.27
CA LYS A 318 -20.34 11.44 -2.92
C LYS A 318 -19.66 11.04 -1.62
N SER A 319 -20.40 10.41 -0.71
CA SER A 319 -19.85 10.04 0.60
C SER A 319 -18.86 8.89 0.63
N VAL A 320 -19.18 7.79 -0.05
CA VAL A 320 -18.30 6.64 -0.08
C VAL A 320 -17.98 6.26 -1.51
N CYS A 321 -17.02 6.96 -2.09
CA CYS A 321 -16.61 6.72 -3.46
C CYS A 321 -15.35 5.86 -3.49
N THR A 322 -15.50 4.59 -3.83
CA THR A 322 -14.35 3.69 -3.89
C THR A 322 -13.51 4.03 -5.12
N VAL A 323 -12.20 4.11 -4.93
CA VAL A 323 -11.28 4.44 -6.01
C VAL A 323 -10.07 3.50 -6.04
N ILE A 324 -9.72 3.03 -7.23
CA ILE A 324 -8.57 2.14 -7.39
C ILE A 324 -7.67 2.67 -8.49
N ASP A 325 -6.36 2.59 -8.27
CA ASP A 325 -5.40 3.07 -9.27
C ASP A 325 -4.84 1.96 -10.14
N LEU A 326 -5.59 1.63 -11.19
CA LEU A 326 -5.16 0.60 -12.13
C LEU A 326 -4.66 1.28 -13.38
N LEU A 327 -3.66 0.68 -14.05
CA LEU A 327 -3.19 1.24 -15.31
C LEU A 327 -4.43 1.14 -16.17
N LEU A 328 -4.79 2.24 -16.85
CA LEU A 328 -6.00 2.20 -17.66
C LEU A 328 -6.00 1.03 -18.64
N ASP A 329 -4.83 0.71 -19.19
CA ASP A 329 -4.71 -0.40 -20.12
C ASP A 329 -5.20 -1.67 -19.43
N ASP A 330 -4.86 -1.83 -18.15
CA ASP A 330 -5.28 -3.00 -17.41
C ASP A 330 -6.78 -3.00 -17.15
N PHE A 331 -7.34 -1.84 -16.87
CA PHE A 331 -8.77 -1.73 -16.61
C PHE A 331 -9.58 -2.14 -17.83
N VAL A 332 -9.17 -1.65 -19.00
CA VAL A 332 -9.88 -1.98 -20.24
C VAL A 332 -9.85 -3.46 -20.54
N ASP A 333 -8.74 -4.14 -20.26
CA ASP A 333 -8.66 -5.57 -20.51
C ASP A 333 -9.62 -6.32 -19.60
N ILE A 334 -9.83 -5.78 -18.41
CA ILE A 334 -10.73 -6.37 -17.43
C ILE A 334 -12.18 -6.22 -17.87
N VAL A 335 -12.50 -5.06 -18.44
CA VAL A 335 -13.87 -4.80 -18.89
C VAL A 335 -14.20 -5.55 -20.18
N LYS A 336 -13.21 -5.68 -21.07
CA LYS A 336 -13.43 -6.38 -22.32
C LYS A 336 -13.44 -7.91 -22.14
N SER A 337 -13.08 -8.38 -20.96
CA SER A 337 -13.08 -9.81 -20.69
C SER A 337 -14.45 -10.20 -20.18
N LEU A 338 -15.24 -9.20 -19.79
CA LEU A 338 -16.58 -9.43 -19.29
C LEU A 338 -17.54 -9.37 -20.47
N ASN A 339 -18.37 -10.39 -20.62
CA ASN A 339 -19.34 -10.41 -21.70
C ASN A 339 -20.64 -9.89 -21.10
N LEU A 340 -20.54 -8.72 -20.46
CA LEU A 340 -21.68 -8.10 -19.81
C LEU A 340 -22.96 -8.31 -20.60
N LYS A 341 -23.71 -9.30 -20.15
CA LYS A 341 -24.98 -9.68 -20.74
C LYS A 341 -25.62 -10.45 -19.60
N CYS A 342 -25.41 -9.91 -18.40
CA CYS A 342 -25.91 -10.50 -17.16
C CYS A 342 -26.14 -9.31 -16.24
N VAL A 343 -27.32 -9.25 -15.63
CA VAL A 343 -27.69 -8.14 -14.73
C VAL A 343 -26.71 -7.95 -13.56
N SER A 344 -27.23 -8.00 -12.33
CA SER A 344 -26.41 -7.82 -11.13
C SER A 344 -25.33 -8.89 -10.94
N LYS A 345 -24.17 -8.64 -11.55
CA LYS A 345 -23.05 -9.57 -11.44
C LYS A 345 -22.33 -9.31 -10.11
N VAL A 346 -21.10 -9.79 -10.00
CA VAL A 346 -20.28 -9.62 -8.81
C VAL A 346 -18.92 -10.24 -9.12
N VAL A 347 -18.33 -9.76 -10.21
CA VAL A 347 -17.04 -10.24 -10.68
C VAL A 347 -15.92 -10.13 -9.65
N ASN A 348 -15.08 -11.16 -9.61
CA ASN A 348 -13.95 -11.18 -8.70
C ASN A 348 -12.68 -10.88 -9.48
N VAL A 349 -11.94 -9.88 -9.02
CA VAL A 349 -10.71 -9.49 -9.69
C VAL A 349 -9.58 -9.58 -8.69
N ASN A 350 -8.55 -10.34 -8.99
CA ASN A 350 -7.42 -10.44 -8.06
C ASN A 350 -6.47 -9.28 -8.32
N VAL A 351 -6.35 -8.42 -7.33
CA VAL A 351 -5.47 -7.26 -7.43
C VAL A 351 -4.52 -7.26 -6.23
N ASP A 352 -3.25 -7.02 -6.48
CA ASP A 352 -2.27 -7.00 -5.40
C ASP A 352 -2.37 -8.27 -4.53
N PHE A 353 -2.45 -9.42 -5.20
CA PHE A 353 -2.51 -10.73 -4.54
C PHE A 353 -3.81 -11.01 -3.78
N LYS A 354 -4.81 -10.15 -3.92
CA LYS A 354 -6.06 -10.37 -3.20
C LYS A 354 -7.30 -10.25 -4.08
N ASP A 355 -8.28 -11.12 -3.82
CA ASP A 355 -9.54 -11.17 -4.56
C ASP A 355 -10.47 -10.06 -4.08
N PHE A 356 -10.76 -9.10 -4.96
CA PHE A 356 -11.68 -8.00 -4.63
C PHE A 356 -12.91 -8.17 -5.51
N GLN A 357 -14.09 -8.02 -4.92
CA GLN A 357 -15.32 -8.16 -5.69
C GLN A 357 -15.80 -6.83 -6.26
N PHE A 358 -15.95 -6.79 -7.59
CA PHE A 358 -16.42 -5.59 -8.28
C PHE A 358 -17.88 -5.77 -8.66
N LEU A 360 -20.99 -5.37 -10.81
CA LEU A 360 -21.20 -5.09 -12.22
C LEU A 360 -22.64 -5.17 -12.73
N TRP A 361 -23.33 -4.04 -12.74
CA TRP A 361 -24.68 -4.01 -13.28
C TRP A 361 -24.38 -3.82 -14.77
N CYS A 362 -25.25 -4.28 -15.65
CA CYS A 362 -25.00 -4.12 -17.08
C CYS A 362 -24.89 -2.65 -17.49
N ASN A 363 -24.57 -1.79 -16.52
CA ASN A 363 -24.45 -0.35 -16.77
C ASN A 363 -23.42 0.34 -15.88
N GLU A 364 -22.76 -0.43 -15.02
CA GLU A 364 -21.76 0.11 -14.12
C GLU A 364 -20.83 -0.98 -13.59
N GLU A 365 -19.55 -0.63 -13.45
CA GLU A 365 -18.53 -1.54 -12.95
C GLU A 365 -17.75 -0.79 -11.86
N LYS A 366 -18.18 -0.96 -10.61
CA LYS A 366 -17.54 -0.28 -9.49
C LYS A 366 -16.93 -1.26 -8.50
N VAL A 367 -15.82 -0.87 -7.90
CA VAL A 367 -15.21 -1.74 -6.90
C VAL A 367 -16.05 -1.63 -5.63
N THR A 369 -16.91 -2.17 -1.41
CA THR A 369 -16.23 -1.90 -0.16
C THR A 369 -15.95 -3.23 0.54
N PHE A 370 -14.67 -3.54 0.73
CA PHE A 370 -14.28 -4.79 1.38
C PHE A 370 -13.67 -4.54 2.75
#